data_9G1Q
#
_entry.id   9G1Q
#
_cell.length_a   68.068
_cell.length_b   89.838
_cell.length_c   44.943
_cell.angle_alpha   90.000
_cell.angle_beta   90.000
_cell.angle_gamma   90.000
#
_symmetry.space_group_name_H-M   'P 21 21 2'
#
loop_
_entity.id
_entity.type
_entity.pdbx_description
1 polymer 'Fosfomycin resistance protein'
2 non-polymer 1,2-ETHANEDIOL
3 non-polymer 'MANGANESE (II) ION'
4 non-polymer N-ethyl-2-{[5-(propan-2-yl)-1,3,4-oxadiazol-2-yl]sulfanyl}acetamide
5 water water
#
_entity_poly.entity_id   1
_entity_poly.type   'polypeptide(L)'
_entity_poly.pdbx_seq_one_letter_code
;MLSGLNHLTLAVSQLAPSVAFYQQLLGMTLHARWDSGAYLSCGDLWLCLSLDPQRRVTPPEESDYTHYAFSISEADFASF
AARLEAAGVAVWKLNRSEGASHYFLDPDGHKLELHVGSLAQRLAACREQPYKGMVFFEQHHHHHH
;
_entity_poly.pdbx_strand_id   A,B
#
loop_
_chem_comp.id
_chem_comp.type
_chem_comp.name
_chem_comp.formula
EDO non-polymer 1,2-ETHANEDIOL 'C2 H6 O2'
MN non-polymer 'MANGANESE (II) ION' 'Mn 2'
RDJ non-polymer N-ethyl-2-{[5-(propan-2-yl)-1,3,4-oxadiazol-2-yl]sulfanyl}acetamide 'C9 H15 N3 O2 S'
#
# COMPACT_ATOMS: atom_id res chain seq x y z
N MET A 1 -9.82 -16.53 -4.38
CA MET A 1 -8.34 -16.37 -4.37
C MET A 1 -7.88 -14.95 -4.66
N LEU A 2 -7.06 -14.40 -3.77
CA LEU A 2 -6.56 -13.06 -3.97
C LEU A 2 -5.36 -13.11 -4.91
N SER A 3 -5.25 -12.11 -5.78
N SER A 3 -5.28 -12.13 -5.82
CA SER A 3 -4.27 -12.19 -6.86
CA SER A 3 -4.11 -12.08 -6.68
C SER A 3 -3.26 -11.04 -6.89
C SER A 3 -3.78 -10.62 -6.95
N GLY A 4 -3.32 -10.10 -5.97
N GLY A 4 -2.81 -10.13 -6.22
CA GLY A 4 -2.36 -9.02 -5.93
CA GLY A 4 -2.28 -8.80 -6.45
C GLY A 4 -3.01 -7.77 -5.37
C GLY A 4 -3.02 -7.74 -5.67
N LEU A 5 -2.34 -6.63 -5.54
CA LEU A 5 -2.89 -5.38 -5.05
C LEU A 5 -3.71 -4.78 -6.18
N ASN A 6 -5.00 -4.59 -5.93
CA ASN A 6 -5.87 -3.95 -6.90
C ASN A 6 -5.61 -2.45 -6.98
N HIS A 7 -5.50 -1.79 -5.83
CA HIS A 7 -5.15 -0.38 -5.75
C HIS A 7 -4.64 -0.05 -4.36
N LEU A 8 -3.88 1.04 -4.31
CA LEU A 8 -3.44 1.70 -3.10
C LEU A 8 -4.16 3.03 -3.02
N THR A 9 -4.85 3.28 -1.91
CA THR A 9 -5.51 4.56 -1.68
C THR A 9 -4.83 5.25 -0.52
N LEU A 10 -4.35 6.46 -0.78
CA LEU A 10 -3.78 7.31 0.25
C LEU A 10 -4.72 8.47 0.56
N ALA A 11 -5.05 8.63 1.84
CA ALA A 11 -5.79 9.80 2.28
C ALA A 11 -4.86 11.01 2.28
N VAL A 12 -5.32 12.11 1.73
CA VAL A 12 -4.52 13.32 1.65
C VAL A 12 -5.29 14.49 2.24
N SER A 13 -4.55 15.44 2.81
CA SER A 13 -5.18 16.60 3.41
C SER A 13 -5.39 17.75 2.43
N GLN A 14 -4.55 17.87 1.41
CA GLN A 14 -4.66 18.92 0.40
C GLN A 14 -4.42 18.25 -0.95
N LEU A 15 -5.45 18.22 -1.79
CA LEU A 15 -5.39 17.39 -2.98
C LEU A 15 -4.34 17.88 -3.97
N ALA A 16 -4.34 19.18 -4.27
CA ALA A 16 -3.46 19.66 -5.34
C ALA A 16 -1.99 19.43 -5.03
N PRO A 17 -1.49 19.75 -3.83
N PRO A 17 -1.47 19.82 -3.84
CA PRO A 17 -0.08 19.47 -3.52
CA PRO A 17 -0.07 19.50 -3.54
C PRO A 17 0.25 18.00 -3.57
C PRO A 17 0.23 18.02 -3.63
N SER A 18 -0.69 17.13 -3.20
N SER A 18 -0.69 17.16 -3.20
CA SER A 18 -0.43 15.71 -3.28
CA SER A 18 -0.46 15.72 -3.28
C SER A 18 -0.39 15.23 -4.73
C SER A 18 -0.37 15.28 -4.74
N VAL A 19 -1.32 15.70 -5.57
CA VAL A 19 -1.25 15.36 -7.00
C VAL A 19 0.08 15.82 -7.57
N ALA A 20 0.49 17.04 -7.24
CA ALA A 20 1.76 17.54 -7.76
C ALA A 20 2.93 16.69 -7.31
N PHE A 21 2.92 16.25 -6.06
CA PHE A 21 4.00 15.40 -5.57
C PHE A 21 4.09 14.12 -6.36
N TYR A 22 2.98 13.40 -6.51
CA TYR A 22 3.04 12.09 -7.16
C TYR A 22 3.23 12.20 -8.67
N GLN A 23 2.62 13.20 -9.30
CA GLN A 23 2.73 13.36 -10.74
C GLN A 23 4.00 14.11 -11.13
N GLN A 24 4.18 15.33 -10.63
CA GLN A 24 5.33 16.13 -11.06
C GLN A 24 6.63 15.62 -10.47
N LEU A 25 6.68 15.42 -9.17
CA LEU A 25 7.94 15.10 -8.54
C LEU A 25 8.31 13.64 -8.75
N LEU A 26 7.37 12.72 -8.53
CA LEU A 26 7.66 11.30 -8.66
C LEU A 26 7.44 10.76 -10.07
N GLY A 27 6.79 11.51 -10.96
CA GLY A 27 6.68 11.08 -12.33
C GLY A 27 5.59 10.10 -12.63
N MET A 28 4.64 9.91 -11.71
CA MET A 28 3.54 9.02 -12.00
C MET A 28 2.60 9.62 -13.01
N THR A 29 1.78 8.77 -13.63
CA THR A 29 0.85 9.21 -14.67
C THR A 29 -0.48 9.59 -14.06
N LEU A 30 -0.90 10.83 -14.28
CA LEU A 30 -2.20 11.29 -13.81
C LEU A 30 -3.26 10.99 -14.87
N HIS A 31 -4.30 10.25 -14.49
CA HIS A 31 -5.38 9.89 -15.41
C HIS A 31 -6.63 10.73 -15.24
N ALA A 32 -6.94 11.12 -14.01
CA ALA A 32 -8.14 11.89 -13.76
C ALA A 32 -8.02 12.52 -12.39
N ARG A 33 -8.69 13.66 -12.22
CA ARG A 33 -8.82 14.26 -10.90
C ARG A 33 -10.21 14.85 -10.81
N TRP A 34 -10.69 15.01 -9.59
CA TRP A 34 -12.00 15.58 -9.33
C TRP A 34 -11.91 16.33 -8.01
N ASP A 35 -13.04 16.85 -7.56
CA ASP A 35 -12.95 17.75 -6.42
C ASP A 35 -12.44 17.06 -5.16
N SER A 36 -12.58 15.74 -5.08
N SER A 36 -12.58 15.75 -5.05
CA SER A 36 -12.23 15.01 -3.87
CA SER A 36 -12.13 15.07 -3.83
C SER A 36 -11.18 13.91 -4.07
C SER A 36 -11.25 13.86 -4.11
N GLY A 37 -10.55 13.83 -5.24
CA GLY A 37 -9.57 12.77 -5.41
C GLY A 37 -8.87 12.83 -6.74
N ALA A 38 -7.99 11.85 -6.94
CA ALA A 38 -7.29 11.69 -8.20
C ALA A 38 -6.92 10.23 -8.39
N TYR A 39 -6.82 9.84 -9.65
CA TYR A 39 -6.35 8.53 -10.03
C TYR A 39 -5.05 8.65 -10.82
N LEU A 40 -4.03 7.93 -10.38
CA LEU A 40 -2.73 7.88 -11.04
C LEU A 40 -2.32 6.45 -11.24
N SER A 41 -1.37 6.23 -12.13
CA SER A 41 -0.75 4.93 -12.23
C SER A 41 0.75 5.06 -12.17
N CYS A 42 1.38 4.00 -11.70
CA CYS A 42 2.83 3.88 -11.63
C CYS A 42 3.10 2.47 -12.14
N GLY A 43 3.45 2.35 -13.41
CA GLY A 43 3.46 1.01 -13.99
C GLY A 43 2.08 0.39 -13.87
N ASP A 44 2.03 -0.83 -13.35
N ASP A 44 2.02 -0.82 -13.31
CA ASP A 44 0.76 -1.53 -13.12
CA ASP A 44 0.78 -1.54 -13.10
C ASP A 44 0.00 -1.02 -11.89
C ASP A 44 0.08 -1.15 -11.81
N LEU A 45 0.63 -0.25 -11.00
CA LEU A 45 -0.04 0.19 -9.78
C LEU A 45 -1.10 1.25 -10.07
N TRP A 46 -2.30 1.02 -9.57
CA TRP A 46 -3.37 2.01 -9.50
C TRP A 46 -3.28 2.69 -8.14
N LEU A 47 -2.94 3.96 -8.15
CA LEU A 47 -2.89 4.81 -6.98
C LEU A 47 -4.07 5.76 -6.97
N CYS A 48 -4.78 5.78 -5.85
N CYS A 48 -4.80 5.79 -5.86
CA CYS A 48 -5.85 6.72 -5.61
CA CYS A 48 -5.86 6.76 -5.66
C CYS A 48 -5.38 7.68 -4.53
C CYS A 48 -5.48 7.68 -4.51
N LEU A 49 -5.54 8.98 -4.77
CA LEU A 49 -5.40 10.00 -3.74
C LEU A 49 -6.80 10.44 -3.38
N SER A 50 -7.15 10.35 -2.10
CA SER A 50 -8.51 10.65 -1.65
C SER A 50 -8.47 11.78 -0.63
N LEU A 51 -9.12 12.90 -0.97
CA LEU A 51 -9.16 14.04 -0.06
C LEU A 51 -9.93 13.64 1.19
N ASP A 52 -9.31 13.75 2.35
CA ASP A 52 -9.92 13.27 3.58
C ASP A 52 -9.69 14.33 4.66
N PRO A 53 -10.75 14.98 5.17
CA PRO A 53 -10.56 15.94 6.27
C PRO A 53 -9.96 15.33 7.50
N GLN A 54 -10.00 14.00 7.64
N GLN A 54 -9.98 14.00 7.64
CA GLN A 54 -9.39 13.34 8.79
CA GLN A 54 -9.39 13.34 8.80
C GLN A 54 -7.87 13.18 8.65
C GLN A 54 -7.91 13.00 8.61
N ARG A 55 -7.31 13.27 7.45
CA ARG A 55 -5.89 13.08 7.29
C ARG A 55 -5.11 14.20 7.96
N ARG A 56 -4.14 13.83 8.78
CA ARG A 56 -3.26 14.79 9.41
C ARG A 56 -1.86 14.65 8.84
N VAL A 57 -1.18 15.80 8.78
CA VAL A 57 0.22 15.83 8.40
C VAL A 57 0.98 15.24 9.59
N THR A 58 1.60 14.09 9.41
CA THR A 58 2.08 13.29 10.52
C THR A 58 3.59 13.18 10.52
N PRO A 59 4.28 13.65 11.55
CA PRO A 59 5.73 13.49 11.59
C PRO A 59 6.08 12.02 11.69
N PRO A 60 7.24 11.62 11.17
CA PRO A 60 7.56 10.19 11.08
C PRO A 60 7.77 9.53 12.41
N GLU A 61 8.11 10.28 13.44
CA GLU A 61 8.27 9.71 14.78
C GLU A 61 6.93 9.40 15.42
N GLU A 62 5.83 9.88 14.86
N GLU A 62 5.83 9.92 14.86
CA GLU A 62 4.51 9.64 15.42
CA GLU A 62 4.47 9.70 15.36
C GLU A 62 3.67 8.74 14.53
C GLU A 62 3.76 8.55 14.66
N SER A 63 4.26 8.08 13.53
CA SER A 63 3.63 6.99 12.82
C SER A 63 4.46 5.72 12.93
N ASP A 64 3.79 4.58 12.73
CA ASP A 64 4.45 3.28 12.74
C ASP A 64 5.18 3.06 11.43
N TYR A 65 5.76 1.88 11.28
CA TYR A 65 6.63 1.54 10.15
C TYR A 65 5.89 1.20 8.86
N THR A 66 4.56 1.27 8.83
CA THR A 66 3.82 0.99 7.60
C THR A 66 4.34 1.92 6.49
N HIS A 67 4.66 1.36 5.33
CA HIS A 67 5.25 2.16 4.27
C HIS A 67 5.03 1.51 2.91
N TYR A 68 5.26 2.30 1.86
CA TYR A 68 4.95 1.95 0.48
C TYR A 68 6.21 2.18 -0.33
N ALA A 69 6.73 1.11 -0.93
CA ALA A 69 7.96 1.17 -1.71
C ALA A 69 7.64 1.06 -3.20
N PHE A 70 8.33 1.88 -3.98
CA PHE A 70 8.20 1.90 -5.43
C PHE A 70 9.49 1.37 -6.07
N SER A 71 9.32 0.62 -7.15
CA SER A 71 10.44 0.04 -7.85
C SER A 71 11.15 1.05 -8.72
N ILE A 72 12.47 0.98 -8.72
CA ILE A 72 13.32 1.80 -9.57
C ILE A 72 14.53 0.96 -9.95
N SER A 73 15.06 1.21 -11.13
CA SER A 73 16.19 0.43 -11.60
C SER A 73 17.49 0.84 -10.90
N GLU A 74 18.45 -0.07 -10.92
CA GLU A 74 19.76 0.22 -10.37
C GLU A 74 20.37 1.45 -11.05
N ALA A 75 20.15 1.61 -12.35
CA ALA A 75 20.75 2.72 -13.08
C ALA A 75 20.14 4.06 -12.69
N ASP A 76 18.86 4.07 -12.30
CA ASP A 76 18.17 5.33 -12.02
C ASP A 76 18.13 5.69 -10.52
N PHE A 77 18.40 4.73 -9.64
CA PHE A 77 18.14 4.90 -8.20
C PHE A 77 18.82 6.12 -7.62
N ALA A 78 20.14 6.21 -7.76
CA ALA A 78 20.87 7.23 -7.03
C ALA A 78 20.51 8.63 -7.48
N SER A 79 20.33 8.84 -8.79
N SER A 79 20.40 8.83 -8.80
CA SER A 79 20.05 10.18 -9.25
CA SER A 79 20.03 10.13 -9.33
C SER A 79 18.64 10.62 -8.89
C SER A 79 18.68 10.57 -8.79
N PHE A 80 17.70 9.66 -8.81
CA PHE A 80 16.33 9.99 -8.38
C PHE A 80 16.33 10.35 -6.91
N ALA A 81 17.01 9.55 -6.08
CA ALA A 81 17.14 9.88 -4.66
C ALA A 81 17.79 11.24 -4.47
N ALA A 82 18.86 11.52 -5.21
CA ALA A 82 19.55 12.80 -5.04
C ALA A 82 18.67 13.96 -5.47
N ARG A 83 17.84 13.77 -6.50
CA ARG A 83 16.92 14.82 -6.92
C ARG A 83 15.88 15.09 -5.84
N LEU A 84 15.34 14.04 -5.22
CA LEU A 84 14.41 14.25 -4.11
C LEU A 84 15.08 15.02 -2.97
N GLU A 85 16.32 14.63 -2.62
CA GLU A 85 17.06 15.34 -1.56
C GLU A 85 17.24 16.80 -1.93
N ALA A 86 17.65 17.08 -3.16
CA ALA A 86 17.89 18.46 -3.55
C ALA A 86 16.59 19.26 -3.57
N ALA A 87 15.47 18.60 -3.82
CA ALA A 87 14.18 19.27 -3.78
C ALA A 87 13.65 19.49 -2.37
N GLY A 88 14.37 19.04 -1.34
CA GLY A 88 13.95 19.26 0.02
C GLY A 88 12.95 18.27 0.56
N VAL A 89 12.79 17.12 -0.08
CA VAL A 89 11.85 16.12 0.39
C VAL A 89 12.35 15.52 1.70
N ALA A 90 11.48 15.50 2.71
CA ALA A 90 11.83 15.03 4.04
C ALA A 90 12.05 13.53 4.04
N VAL A 91 12.81 13.08 5.00
N VAL A 91 12.88 13.07 4.98
CA VAL A 91 13.15 11.68 5.08
CA VAL A 91 13.31 11.67 5.02
C VAL A 91 12.64 11.10 6.38
C VAL A 91 13.03 11.11 6.41
N TRP A 92 12.80 9.80 6.49
CA TRP A 92 12.37 9.15 7.70
C TRP A 92 13.27 8.00 8.07
N LYS A 93 14.21 7.59 7.21
CA LYS A 93 15.05 6.48 7.62
C LYS A 93 16.34 6.52 6.80
N LEU A 94 17.46 6.17 7.42
CA LEU A 94 18.75 6.22 6.76
C LEU A 94 19.44 4.86 6.62
N ASN A 95 19.26 3.98 7.60
CA ASN A 95 19.94 2.69 7.60
C ASN A 95 19.29 1.74 6.60
N ARG A 96 20.10 1.17 5.71
CA ARG A 96 19.61 0.27 4.67
C ARG A 96 19.53 -1.13 5.25
N SER A 97 18.41 -1.42 5.88
CA SER A 97 18.19 -2.71 6.53
C SER A 97 17.54 -3.71 5.60
N GLU A 98 17.14 -3.32 4.39
CA GLU A 98 16.46 -4.22 3.45
C GLU A 98 16.95 -3.98 2.03
N GLY A 99 18.26 -3.73 1.88
CA GLY A 99 18.86 -3.54 0.56
C GLY A 99 18.95 -2.07 0.16
N ALA A 100 19.02 -1.86 -1.15
CA ALA A 100 19.22 -0.52 -1.71
C ALA A 100 17.89 0.21 -1.71
N SER A 101 17.75 1.13 -0.76
CA SER A 101 16.50 1.85 -0.54
C SER A 101 16.78 3.29 -0.15
N HIS A 102 15.85 4.17 -0.52
CA HIS A 102 15.82 5.57 -0.11
C HIS A 102 14.46 5.82 0.52
N TYR A 103 14.44 6.32 1.74
CA TYR A 103 13.21 6.48 2.52
C TYR A 103 12.82 7.95 2.60
N PHE A 104 11.62 8.28 2.13
CA PHE A 104 11.21 9.68 2.04
C PHE A 104 9.73 9.80 2.36
N LEU A 105 9.31 11.01 2.67
CA LEU A 105 7.95 11.31 3.09
C LEU A 105 7.18 12.08 2.03
N ASP A 106 5.89 11.79 1.92
CA ASP A 106 4.99 12.59 1.09
C ASP A 106 4.52 13.80 1.91
N PRO A 107 3.76 14.71 1.28
CA PRO A 107 3.38 15.95 1.99
C PRO A 107 2.61 15.74 3.27
N ASP A 108 1.88 14.64 3.41
CA ASP A 108 1.15 14.31 4.62
C ASP A 108 1.92 13.41 5.56
N GLY A 109 3.17 13.09 5.25
CA GLY A 109 3.91 12.16 6.05
C GLY A 109 3.69 10.69 5.75
N HIS A 110 3.01 10.35 4.66
CA HIS A 110 3.01 8.96 4.26
C HIS A 110 4.44 8.52 4.04
N LYS A 111 4.79 7.35 4.57
CA LYS A 111 6.14 6.82 4.46
C LYS A 111 6.32 6.09 3.15
N LEU A 112 7.22 6.61 2.32
CA LEU A 112 7.50 6.09 1.00
C LEU A 112 8.95 5.62 0.93
N GLU A 113 9.24 4.87 -0.13
CA GLU A 113 10.56 4.28 -0.31
C GLU A 113 10.78 4.09 -1.80
N LEU A 114 12.01 4.34 -2.25
CA LEU A 114 12.52 3.84 -3.52
C LEU A 114 13.32 2.59 -3.22
N HIS A 115 13.09 1.50 -3.95
CA HIS A 115 13.83 0.27 -3.70
C HIS A 115 14.24 -0.38 -5.00
N VAL A 116 15.48 -0.88 -5.03
CA VAL A 116 16.01 -1.63 -6.16
C VAL A 116 15.98 -3.12 -5.78
N GLY A 117 15.20 -3.91 -6.49
CA GLY A 117 15.22 -5.35 -6.30
C GLY A 117 13.87 -5.96 -6.03
N SER A 118 13.74 -7.23 -6.42
CA SER A 118 12.53 -8.01 -6.23
C SER A 118 12.54 -8.75 -4.89
N LEU A 119 11.40 -9.37 -4.58
CA LEU A 119 11.33 -10.25 -3.42
C LEU A 119 12.30 -11.41 -3.57
N ALA A 120 12.38 -12.01 -4.76
CA ALA A 120 13.32 -13.11 -4.94
C ALA A 120 14.75 -12.65 -4.65
N GLN A 121 15.12 -11.46 -5.13
CA GLN A 121 16.47 -10.97 -4.86
C GLN A 121 16.68 -10.70 -3.39
N ARG A 122 15.65 -10.21 -2.69
N ARG A 122 15.65 -10.14 -2.72
CA ARG A 122 15.80 -9.95 -1.27
CA ARG A 122 15.71 -9.94 -1.29
C ARG A 122 15.92 -11.24 -0.47
C ARG A 122 15.99 -11.26 -0.57
N LEU A 123 15.19 -12.28 -0.87
CA LEU A 123 15.34 -13.56 -0.20
C LEU A 123 16.74 -14.11 -0.40
N ALA A 124 17.28 -13.99 -1.62
CA ALA A 124 18.62 -14.49 -1.88
C ALA A 124 19.65 -13.71 -1.06
N ALA A 125 19.50 -12.39 -0.97
CA ALA A 125 20.43 -11.61 -0.16
C ALA A 125 20.31 -12.00 1.32
N CYS A 126 19.08 -12.26 1.78
CA CYS A 126 18.85 -12.62 3.18
C CYS A 126 19.44 -13.98 3.52
N ARG A 127 19.52 -14.90 2.57
CA ARG A 127 20.17 -16.17 2.87
C ARG A 127 21.61 -15.96 3.31
N GLU A 128 22.30 -14.97 2.73
CA GLU A 128 23.69 -14.68 3.09
C GLU A 128 23.79 -13.80 4.33
N GLN A 129 22.85 -12.88 4.46
CA GLN A 129 22.84 -11.88 5.52
C GLN A 129 21.43 -11.89 6.08
N PRO A 130 21.08 -12.92 6.84
CA PRO A 130 19.69 -13.08 7.28
C PRO A 130 19.36 -12.15 8.43
N TYR A 131 18.08 -11.82 8.53
N TYR A 131 18.07 -11.85 8.54
CA TYR A 131 17.57 -11.17 9.72
CA TYR A 131 17.57 -11.25 9.76
C TYR A 131 17.53 -12.19 10.87
C TYR A 131 17.74 -12.21 10.91
N LYS A 132 17.63 -11.70 12.11
CA LYS A 132 17.74 -12.58 13.27
C LYS A 132 16.58 -13.57 13.33
N GLY A 133 16.91 -14.86 13.43
CA GLY A 133 15.89 -15.89 13.54
C GLY A 133 15.21 -16.26 12.25
N MET A 134 15.77 -15.88 11.11
CA MET A 134 15.08 -16.04 9.84
C MET A 134 14.99 -17.50 9.40
N VAL A 135 13.77 -17.87 8.98
N VAL A 135 13.79 -17.87 8.96
CA VAL A 135 13.45 -19.16 8.39
CA VAL A 135 13.50 -19.17 8.37
C VAL A 135 12.88 -18.90 7.00
C VAL A 135 12.87 -18.94 7.02
N PHE A 136 13.26 -19.76 6.05
CA PHE A 136 12.80 -19.69 4.67
C PHE A 136 11.89 -20.88 4.39
N PHE A 137 10.78 -20.62 3.73
CA PHE A 137 9.82 -21.68 3.40
C PHE A 137 9.87 -22.01 1.91
N MET B 1 13.04 6.56 -13.21
CA MET B 1 11.57 6.40 -13.45
C MET B 1 11.04 5.27 -12.58
N LEU B 2 9.91 5.49 -11.92
CA LEU B 2 9.36 4.45 -11.07
C LEU B 2 8.53 3.49 -11.92
N SER B 3 8.69 2.19 -11.67
CA SER B 3 8.09 1.20 -12.54
C SER B 3 6.94 0.43 -11.93
N GLY B 4 6.59 0.67 -10.68
CA GLY B 4 5.47 -0.01 -10.05
C GLY B 4 5.64 0.00 -8.55
N LEU B 5 4.72 -0.68 -7.87
CA LEU B 5 4.84 -0.91 -6.43
C LEU B 5 5.85 -2.02 -6.19
N ASN B 6 6.89 -1.72 -5.42
CA ASN B 6 7.87 -2.73 -5.08
C ASN B 6 7.39 -3.63 -3.94
N HIS B 7 6.96 -3.03 -2.84
CA HIS B 7 6.40 -3.80 -1.75
C HIS B 7 5.51 -2.90 -0.90
N LEU B 8 4.60 -3.54 -0.18
CA LEU B 8 3.75 -2.95 0.84
C LEU B 8 4.21 -3.50 2.18
N THR B 9 4.54 -2.63 3.13
CA THR B 9 4.91 -3.05 4.48
C THR B 9 3.86 -2.56 5.45
N LEU B 10 3.32 -3.50 6.22
CA LEU B 10 2.36 -3.20 7.27
C LEU B 10 3.02 -3.40 8.62
N ALA B 11 2.97 -2.38 9.47
CA ALA B 11 3.40 -2.53 10.85
C ALA B 11 2.35 -3.32 11.61
N VAL B 12 2.80 -4.30 12.39
CA VAL B 12 1.90 -5.17 13.13
C VAL B 12 2.31 -5.21 14.59
N SER B 13 1.31 -5.35 15.47
CA SER B 13 1.59 -5.36 16.90
C SER B 13 1.96 -6.74 17.41
N GLN B 14 1.44 -7.79 16.78
CA GLN B 14 1.72 -9.18 17.18
C GLN B 14 1.91 -10.00 15.91
N LEU B 15 3.10 -10.58 15.75
CA LEU B 15 3.42 -11.19 14.47
C LEU B 15 2.58 -12.44 14.20
N ALA B 16 2.39 -13.30 15.19
CA ALA B 16 1.71 -14.56 14.95
C ALA B 16 0.29 -14.37 14.45
N PRO B 17 -0.56 -13.54 15.07
CA PRO B 17 -1.91 -13.36 14.52
C PRO B 17 -1.91 -12.72 13.16
N SER B 18 -0.94 -11.84 12.88
CA SER B 18 -0.90 -11.22 11.56
C SER B 18 -0.50 -12.23 10.49
N VAL B 19 0.47 -13.09 10.79
CA VAL B 19 0.82 -14.15 9.84
C VAL B 19 -0.37 -15.07 9.61
N ALA B 20 -1.08 -15.43 10.69
CA ALA B 20 -2.25 -16.29 10.53
C ALA B 20 -3.29 -15.63 9.63
N PHE B 21 -3.54 -14.34 9.82
CA PHE B 21 -4.54 -13.63 9.03
C PHE B 21 -4.15 -13.61 7.55
N TYR B 22 -2.93 -13.18 7.24
CA TYR B 22 -2.57 -13.02 5.83
C TYR B 22 -2.31 -14.36 5.14
N GLN B 23 -1.62 -15.29 5.81
CA GLN B 23 -1.33 -16.60 5.23
C GLN B 23 -2.56 -17.51 5.23
N GLN B 24 -3.09 -17.78 6.43
CA GLN B 24 -4.11 -18.81 6.55
C GLN B 24 -5.49 -18.29 6.13
N LEU B 25 -5.92 -17.16 6.68
CA LEU B 25 -7.25 -16.68 6.34
C LEU B 25 -7.30 -16.13 4.92
N LEU B 26 -6.35 -15.28 4.56
N LEU B 26 -6.34 -15.28 4.55
CA LEU B 26 -6.40 -14.65 3.24
CA LEU B 26 -6.38 -14.64 3.24
C LEU B 26 -5.79 -15.52 2.14
C LEU B 26 -5.66 -15.42 2.15
N GLY B 27 -4.98 -16.51 2.50
CA GLY B 27 -4.39 -17.39 1.51
C GLY B 27 -3.11 -16.93 0.86
N MET B 28 -2.43 -15.93 1.42
CA MET B 28 -1.18 -15.50 0.83
C MET B 28 -0.05 -16.49 1.10
N THR B 29 0.98 -16.44 0.26
CA THR B 29 2.09 -17.37 0.39
C THR B 29 3.15 -16.80 1.33
N LEU B 30 3.51 -17.57 2.36
CA LEU B 30 4.54 -17.17 3.30
C LEU B 30 5.90 -17.65 2.79
N HIS B 31 6.80 -16.71 2.51
CA HIS B 31 8.12 -17.05 2.01
C HIS B 31 9.18 -17.10 3.08
N ALA B 32 9.10 -16.24 4.09
CA ALA B 32 10.12 -16.21 5.13
C ALA B 32 9.52 -15.53 6.35
N ARG B 33 10.06 -15.86 7.50
CA ARG B 33 9.69 -15.23 8.76
C ARG B 33 10.93 -15.14 9.62
N TRP B 34 11.04 -14.07 10.38
CA TRP B 34 12.15 -13.86 11.30
C TRP B 34 11.56 -13.33 12.60
N ASP B 35 12.43 -13.03 13.56
CA ASP B 35 11.91 -12.70 14.88
C ASP B 35 11.03 -11.45 14.85
N SER B 36 11.25 -10.53 13.90
CA SER B 36 10.49 -9.29 13.88
C SER B 36 9.77 -9.05 12.55
N GLY B 37 9.50 -10.07 11.75
CA GLY B 37 8.69 -9.81 10.57
C GLY B 37 8.50 -11.04 9.71
N ALA B 38 7.85 -10.82 8.58
CA ALA B 38 7.59 -11.88 7.61
C ALA B 38 7.48 -11.29 6.22
N TYR B 39 7.80 -12.11 5.23
CA TYR B 39 7.57 -11.80 3.83
C TYR B 39 6.55 -12.76 3.25
N LEU B 40 5.52 -12.21 2.60
CA LEU B 40 4.50 -12.97 1.91
C LEU B 40 4.35 -12.43 0.49
N SER B 41 3.74 -13.23 -0.37
CA SER B 41 3.33 -12.75 -1.68
C SER B 41 1.86 -13.06 -1.92
N CYS B 42 1.27 -12.23 -2.76
CA CYS B 42 -0.12 -12.35 -3.19
C CYS B 42 -0.10 -11.95 -4.66
N GLY B 43 -0.06 -12.92 -5.57
CA GLY B 43 0.21 -12.57 -6.96
C GLY B 43 1.54 -11.84 -7.06
N ASP B 44 1.54 -10.70 -7.76
N ASP B 44 1.55 -10.70 -7.76
CA ASP B 44 2.75 -9.90 -7.89
CA ASP B 44 2.75 -9.89 -7.88
C ASP B 44 2.99 -8.96 -6.72
C ASP B 44 3.09 -9.10 -6.62
N LEU B 45 2.17 -8.99 -5.67
CA LEU B 45 2.40 -8.18 -4.50
C LEU B 45 3.39 -8.85 -3.55
N TRP B 46 4.43 -8.11 -3.20
CA TRP B 46 5.32 -8.43 -2.10
C TRP B 46 4.82 -7.69 -0.87
N LEU B 47 4.38 -8.46 0.13
CA LEU B 47 3.91 -7.93 1.39
C LEU B 47 4.92 -8.23 2.48
N CYS B 48 5.24 -7.23 3.27
N CYS B 48 5.25 -7.21 3.24
CA CYS B 48 6.07 -7.39 4.45
CA CYS B 48 6.05 -7.34 4.46
C CYS B 48 5.27 -7.04 5.68
C CYS B 48 5.16 -7.07 5.65
N LEU B 49 5.25 -7.95 6.66
CA LEU B 49 4.71 -7.68 7.98
C LEU B 49 5.91 -7.36 8.87
N SER B 50 5.88 -6.21 9.52
CA SER B 50 6.98 -5.75 10.34
C SER B 50 6.48 -5.56 11.76
N LEU B 51 7.02 -6.36 12.69
CA LEU B 51 6.65 -6.24 14.09
C LEU B 51 7.11 -4.88 14.61
N ASP B 52 6.19 -4.10 15.14
CA ASP B 52 6.49 -2.73 15.53
C ASP B 52 5.76 -2.41 16.82
N PRO B 53 6.44 -2.20 17.95
N PRO B 53 6.49 -2.22 17.93
CA PRO B 53 5.70 -1.90 19.20
CA PRO B 53 5.87 -1.72 19.17
C PRO B 53 4.94 -0.60 19.12
C PRO B 53 5.18 -0.37 19.01
N GLN B 54 5.27 0.28 18.18
N GLN B 54 5.40 0.34 17.90
CA GLN B 54 4.52 1.51 17.98
CA GLN B 54 4.67 1.57 17.65
C GLN B 54 3.21 1.30 17.23
C GLN B 54 3.22 1.29 17.25
N ARG B 55 2.94 0.11 16.69
CA ARG B 55 1.63 -0.10 16.09
C ARG B 55 0.55 -0.20 17.15
N ARG B 56 -0.49 0.61 16.99
N ARG B 56 -0.46 0.66 17.02
CA ARG B 56 -1.65 0.59 17.87
CA ARG B 56 -1.67 0.61 17.85
C ARG B 56 -2.81 -0.11 17.16
C ARG B 56 -2.74 -0.20 17.12
N VAL B 57 -3.49 -0.99 17.88
CA VAL B 57 -4.70 -1.62 17.35
C VAL B 57 -5.72 -0.49 17.23
N THR B 58 -6.03 -0.09 16.00
CA THR B 58 -6.66 1.20 15.76
C THR B 58 -8.09 1.05 15.30
N PRO B 59 -9.08 1.54 16.05
CA PRO B 59 -10.46 1.48 15.56
C PRO B 59 -10.60 2.23 14.26
N PRO B 60 -11.53 1.80 13.39
CA PRO B 60 -11.63 2.44 12.06
C PRO B 60 -12.09 3.88 12.12
N GLU B 61 -12.85 4.28 13.14
CA GLU B 61 -13.23 5.67 13.29
C GLU B 61 -12.03 6.56 13.59
N GLU B 62 -10.92 5.99 14.03
CA GLU B 62 -9.75 6.75 14.43
C GLU B 62 -8.62 6.74 13.42
N SER B 63 -8.81 6.13 12.27
CA SER B 63 -7.84 6.21 11.19
C SER B 63 -8.50 6.87 9.99
N ASP B 64 -7.65 7.42 9.13
CA ASP B 64 -8.13 8.02 7.90
C ASP B 64 -8.41 6.94 6.85
N TYR B 65 -8.75 7.39 5.64
CA TYR B 65 -9.27 6.53 4.58
C TYR B 65 -8.18 5.75 3.84
N THR B 66 -6.92 5.91 4.20
CA THR B 66 -5.87 5.14 3.56
C THR B 66 -6.18 3.65 3.65
N HIS B 67 -6.09 2.94 2.53
CA HIS B 67 -6.49 1.54 2.52
C HIS B 67 -5.83 0.82 1.37
N TYR B 68 -5.88 -0.51 1.47
CA TYR B 68 -5.16 -1.42 0.58
C TYR B 68 -6.17 -2.42 0.03
N ALA B 69 -6.37 -2.41 -1.29
CA ALA B 69 -7.35 -3.27 -1.93
C ALA B 69 -6.65 -4.40 -2.67
N PHE B 70 -7.16 -5.62 -2.47
CA PHE B 70 -6.66 -6.82 -3.15
C PHE B 70 -7.62 -7.23 -4.27
N SER B 71 -7.05 -7.72 -5.36
CA SER B 71 -7.86 -8.17 -6.49
C SER B 71 -8.40 -9.57 -6.25
N ILE B 72 -9.65 -9.76 -6.66
CA ILE B 72 -10.30 -11.06 -6.65
C ILE B 72 -11.25 -11.07 -7.84
N SER B 73 -11.52 -12.26 -8.38
CA SER B 73 -12.49 -12.30 -9.48
C SER B 73 -13.91 -12.13 -8.96
N GLU B 74 -14.79 -11.68 -9.86
CA GLU B 74 -16.20 -11.60 -9.51
C GLU B 74 -16.72 -12.95 -9.06
N ALA B 75 -16.31 -14.02 -9.74
CA ALA B 75 -16.83 -15.36 -9.41
C ALA B 75 -16.43 -15.80 -8.01
N ASP B 76 -15.27 -15.36 -7.53
CA ASP B 76 -14.80 -15.78 -6.22
C ASP B 76 -15.18 -14.83 -5.08
N PHE B 77 -15.68 -13.64 -5.41
CA PHE B 77 -15.89 -12.57 -4.43
C PHE B 77 -16.80 -13.00 -3.28
N ALA B 78 -17.98 -13.51 -3.58
CA ALA B 78 -18.97 -13.74 -2.54
C ALA B 78 -18.52 -14.81 -1.55
N SER B 79 -17.87 -15.86 -2.03
N SER B 79 -17.91 -15.88 -2.06
CA SER B 79 -17.44 -16.89 -1.09
CA SER B 79 -17.39 -16.91 -1.17
C SER B 79 -16.27 -16.42 -0.24
C SER B 79 -16.34 -16.34 -0.23
N PHE B 80 -15.44 -15.52 -0.77
CA PHE B 80 -14.34 -14.98 0.04
C PHE B 80 -14.89 -14.05 1.09
N ALA B 81 -15.85 -13.20 0.72
CA ALA B 81 -16.49 -12.35 1.70
C ALA B 81 -17.15 -13.19 2.80
N ALA B 82 -17.80 -14.28 2.41
CA ALA B 82 -18.45 -15.14 3.41
C ALA B 82 -17.44 -15.79 4.33
N ARG B 83 -16.25 -16.13 3.81
CA ARG B 83 -15.17 -16.67 4.64
C ARG B 83 -14.74 -15.67 5.69
N LEU B 84 -14.54 -14.41 5.28
CA LEU B 84 -14.19 -13.36 6.23
C LEU B 84 -15.28 -13.18 7.26
N GLU B 85 -16.54 -13.22 6.83
N GLU B 85 -16.53 -13.19 6.83
CA GLU B 85 -17.66 -13.06 7.76
CA GLU B 85 -17.62 -13.05 7.79
C GLU B 85 -17.73 -14.22 8.75
C GLU B 85 -17.63 -14.21 8.78
N ALA B 86 -17.46 -15.44 8.29
CA ALA B 86 -17.48 -16.59 9.19
C ALA B 86 -16.39 -16.46 10.24
N ALA B 87 -15.24 -15.93 9.84
CA ALA B 87 -14.12 -15.70 10.74
C ALA B 87 -14.33 -14.49 11.65
N GLY B 88 -15.44 -13.79 11.52
CA GLY B 88 -15.73 -12.65 12.37
C GLY B 88 -14.93 -11.40 12.06
N VAL B 89 -14.44 -11.26 10.84
CA VAL B 89 -13.63 -10.10 10.47
C VAL B 89 -14.55 -8.90 10.32
N ALA B 90 -14.21 -7.80 10.96
CA ALA B 90 -15.06 -6.63 10.93
C ALA B 90 -15.01 -5.90 9.59
N VAL B 91 -16.17 -5.33 9.22
CA VAL B 91 -16.33 -4.48 8.05
C VAL B 91 -16.29 -3.03 8.49
N TRP B 92 -15.60 -2.19 7.71
CA TRP B 92 -15.48 -0.78 8.05
C TRP B 92 -16.26 0.16 7.13
N LYS B 93 -16.89 -0.33 6.07
CA LYS B 93 -17.60 0.50 5.11
C LYS B 93 -18.47 -0.41 4.27
N LEU B 94 -19.62 0.09 3.80
CA LEU B 94 -20.40 -0.59 2.77
C LEU B 94 -20.02 -0.11 1.38
N ASN B 95 -20.17 -0.98 0.38
CA ASN B 95 -19.87 -0.58 -1.00
C ASN B 95 -20.97 0.29 -1.60
N ARG B 96 -20.57 1.43 -2.18
CA ARG B 96 -21.46 2.31 -2.92
C ARG B 96 -20.87 2.77 -4.26
N SER B 97 -19.80 2.12 -4.73
N SER B 97 -19.89 2.06 -4.79
CA SER B 97 -19.11 2.49 -5.97
CA SER B 97 -19.26 2.50 -6.03
C SER B 97 -19.23 1.36 -6.98
C SER B 97 -19.04 1.30 -6.93
N GLU B 98 -18.65 1.56 -8.18
CA GLU B 98 -18.73 0.53 -9.21
C GLU B 98 -17.72 -0.58 -8.94
N GLY B 99 -18.11 -1.79 -9.29
CA GLY B 99 -17.31 -2.95 -9.00
C GLY B 99 -17.54 -3.45 -7.58
N ALA B 100 -17.66 -4.75 -7.43
CA ALA B 100 -17.82 -5.32 -6.11
C ALA B 100 -16.65 -4.92 -5.21
N SER B 101 -16.97 -4.57 -3.96
CA SER B 101 -15.98 -4.25 -2.96
C SER B 101 -16.47 -4.72 -1.60
N HIS B 102 -15.55 -5.32 -0.84
CA HIS B 102 -15.78 -5.73 0.54
C HIS B 102 -14.70 -5.05 1.38
N TYR B 103 -15.11 -4.25 2.36
CA TYR B 103 -14.18 -3.44 3.13
C TYR B 103 -14.01 -4.03 4.52
N PHE B 104 -12.81 -4.52 4.84
CA PHE B 104 -12.61 -5.29 6.06
C PHE B 104 -11.33 -4.85 6.75
N LEU B 105 -11.22 -5.18 8.03
CA LEU B 105 -10.11 -4.76 8.86
C LEU B 105 -9.17 -5.92 9.18
N ASP B 106 -7.88 -5.65 9.21
CA ASP B 106 -6.90 -6.62 9.71
C ASP B 106 -6.83 -6.54 11.23
N PRO B 107 -6.06 -7.46 11.85
CA PRO B 107 -6.03 -7.53 13.32
C PRO B 107 -5.61 -6.24 14.02
N ASP B 108 -4.84 -5.39 13.34
CA ASP B 108 -4.39 -4.12 13.90
C ASP B 108 -5.24 -2.95 13.43
N GLY B 109 -6.30 -3.19 12.67
CA GLY B 109 -7.10 -2.13 12.14
C GLY B 109 -6.63 -1.57 10.82
N HIS B 110 -5.66 -2.20 10.15
CA HIS B 110 -5.35 -1.75 8.80
C HIS B 110 -6.61 -1.94 7.94
N LYS B 111 -6.91 -0.92 7.16
CA LYS B 111 -8.09 -0.92 6.31
C LYS B 111 -7.79 -1.63 4.99
N LEU B 112 -8.50 -2.74 4.76
CA LEU B 112 -8.35 -3.57 3.60
C LEU B 112 -9.63 -3.58 2.78
N GLU B 113 -9.50 -4.06 1.55
CA GLU B 113 -10.64 -4.14 0.64
C GLU B 113 -10.40 -5.30 -0.30
N LEU B 114 -11.46 -6.04 -0.64
CA LEU B 114 -11.49 -6.89 -1.82
C LEU B 114 -12.18 -6.09 -2.91
N HIS B 115 -11.58 -6.00 -4.09
CA HIS B 115 -12.22 -5.28 -5.18
C HIS B 115 -12.12 -6.06 -6.47
N VAL B 116 -13.21 -6.01 -7.23
CA VAL B 116 -13.28 -6.54 -8.58
C VAL B 116 -13.31 -5.38 -9.56
N GLY B 117 -12.30 -5.29 -10.39
CA GLY B 117 -12.27 -4.27 -11.43
C GLY B 117 -11.00 -3.48 -11.46
N SER B 118 -10.60 -3.07 -12.66
CA SER B 118 -9.35 -2.39 -12.92
C SER B 118 -9.53 -0.87 -12.94
N LEU B 119 -8.40 -0.17 -13.01
CA LEU B 119 -8.43 1.26 -13.25
C LEU B 119 -9.14 1.58 -14.55
N ALA B 120 -8.85 0.82 -15.61
CA ALA B 120 -9.50 1.08 -16.90
C ALA B 120 -11.02 1.01 -16.76
N GLN B 121 -11.51 0.01 -16.03
CA GLN B 121 -12.95 -0.13 -15.82
C GLN B 121 -13.50 1.06 -15.05
N ARG B 122 -12.80 1.49 -14.01
CA ARG B 122 -13.24 2.65 -13.25
C ARG B 122 -13.26 3.90 -14.12
N LEU B 123 -12.21 4.13 -14.91
CA LEU B 123 -12.17 5.32 -15.75
C LEU B 123 -13.30 5.30 -16.76
N ALA B 124 -13.61 4.14 -17.34
CA ALA B 124 -14.73 4.05 -18.29
C ALA B 124 -16.04 4.43 -17.63
N ALA B 125 -16.29 3.93 -16.42
CA ALA B 125 -17.51 4.28 -15.70
C ALA B 125 -17.54 5.77 -15.39
N CYS B 126 -16.39 6.32 -14.98
CA CYS B 126 -16.32 7.75 -14.69
C CYS B 126 -16.54 8.62 -15.92
N ARG B 127 -16.05 8.21 -17.08
N ARG B 127 -16.05 8.20 -17.07
CA ARG B 127 -16.27 9.00 -18.28
CA ARG B 127 -16.28 8.98 -18.29
C ARG B 127 -17.75 9.10 -18.60
C ARG B 127 -17.77 9.11 -18.55
N GLU B 128 -18.52 8.04 -18.31
CA GLU B 128 -19.95 8.06 -18.54
C GLU B 128 -20.71 8.85 -17.49
N GLN B 129 -20.21 8.87 -16.25
CA GLN B 129 -20.90 9.52 -15.14
C GLN B 129 -19.83 10.18 -14.28
N PRO B 130 -19.30 11.32 -14.71
CA PRO B 130 -18.14 11.89 -14.02
C PRO B 130 -18.51 12.38 -12.63
N TYR B 131 -17.57 12.19 -11.70
CA TYR B 131 -17.68 12.77 -10.38
C TYR B 131 -17.67 14.29 -10.48
N LYS B 132 -18.10 14.95 -9.40
CA LYS B 132 -18.12 16.40 -9.37
C LYS B 132 -16.73 16.98 -9.54
N GLY B 133 -16.58 17.85 -10.55
CA GLY B 133 -15.32 18.47 -10.86
C GLY B 133 -14.36 17.62 -11.63
N MET B 134 -14.80 16.51 -12.20
CA MET B 134 -13.87 15.57 -12.79
C MET B 134 -13.33 16.05 -14.13
N VAL B 135 -12.00 15.91 -14.27
N VAL B 135 -12.02 15.92 -14.30
CA VAL B 135 -11.20 16.23 -15.44
CA VAL B 135 -11.39 16.15 -15.59
C VAL B 135 -10.40 14.97 -15.76
C VAL B 135 -10.37 15.06 -15.81
N PHE B 136 -10.25 14.66 -17.06
CA PHE B 136 -9.45 13.54 -17.51
C PHE B 136 -8.22 14.06 -18.23
N PHE B 137 -7.17 13.25 -18.23
CA PHE B 137 -5.90 13.60 -18.84
C PHE B 137 -5.45 12.50 -19.78
C1 EDO C . -12.72 10.71 2.69
O1 EDO C . -11.57 10.34 1.90
C2 EDO C . -13.67 9.54 2.85
O2 EDO C . -13.82 8.86 1.60
H11 EDO C . -13.24 11.55 2.21
H12 EDO C . -12.39 11.05 3.67
HO1 EDO C . -11.00 11.12 1.79
H21 EDO C . -14.65 9.89 3.19
H22 EDO C . -13.30 8.84 3.61
HO2 EDO C . -14.44 8.12 1.70
MN MN D . 10.55 -1.21 2.65
C4 RDJ E . 9.57 -6.57 -8.03
C5 RDJ E . 10.83 -6.47 -9.73
C6 RDJ E . 11.92 -5.94 -10.59
N1 RDJ E . 9.06 -7.37 -8.90
C7 RDJ E . 12.94 -5.16 -9.80
C8 RDJ E . 12.55 -7.07 -11.39
N2 RDJ E . 9.90 -7.30 -10.02
O RDJ E . 8.91 -9.10 -6.14
C2 RDJ E . 7.78 -8.63 -6.31
N RDJ E . 6.68 -9.37 -6.44
C1 RDJ E . 6.67 -10.83 -6.43
C RDJ E . 6.01 -11.34 -5.21
C3 RDJ E . 7.52 -7.14 -6.40
S RDJ E . 9.02 -6.15 -6.44
O1 RDJ E . 10.69 -5.95 -8.48
H1 RDJ E . 11.51 -5.31 -11.22
H2 RDJ E . 12.53 -4.41 -9.34
H3 RDJ E . 13.37 -5.73 -9.12
H4 RDJ E . 13.65 -4.82 -10.39
H5 RDJ E . 11.88 -7.52 -11.95
H6 RDJ E . 13.25 -6.72 -11.98
H7 RDJ E . 12.95 -7.74 -10.80
H8 RDJ E . 5.91 -8.96 -6.55
H9 RDJ E . 6.21 -11.15 -7.23
H10 RDJ E . 7.60 -11.15 -6.47
H11 RDJ E . 6.47 -11.04 -4.39
H12 RDJ E . 5.08 -11.03 -5.15
H13 RDJ E . 6.00 -12.32 -5.19
H14 RDJ E . 6.99 -6.97 -7.20
H15 RDJ E . 6.99 -6.88 -5.61
MN MN F . -10.72 1.33 -2.52
#